data_7MAR
#
_entry.id   7MAR
#
_cell.length_a   56.692
_cell.length_b   36.340
_cell.length_c   103.523
_cell.angle_alpha   90.000
_cell.angle_beta   99.310
_cell.angle_gamma   90.000
#
_symmetry.space_group_name_H-M   'P 1 21 1'
#
loop_
_entity.id
_entity.type
_entity.pdbx_description
1 polymer Protease
2 non-polymer (3R,3AS,6AR)-HEXAHYDROFURO[2,3-B]FURAN-3-YL(1S,2R)-3-[[(4-AMINOPHENYL)SULFONYL](ISOBUTYL)AMINO]-1-BENZYL-2-HYDROXYPROPYLCARBAMATE
3 water water
#
_entity_poly.entity_id   1
_entity_poly.type   'polypeptide(L)'
_entity_poly.pdbx_seq_one_letter_code
;PQITLWKRPFVTIKIGGQLKEALLDTGADDTVLEEMNLPGRWKPKIVGGVGGLIKVRQYDQIPIEICGHKAVSTVLVGPT
PINIVGRNLLTQIGCTLNF
;
_entity_poly.pdbx_strand_id   D,A,B,C
#
loop_
_chem_comp.id
_chem_comp.type
_chem_comp.name
_chem_comp.formula
017 non-polymer (3R,3AS,6AR)-HEXAHYDROFURO[2,3-B]FURAN-3-YL(1S,2R)-3-[[(4-AMINOPHENYL)SULFONYL](ISOBUTYL)AMINO]-1-BENZYL-2-HYDROXYPROPYLCARBAMATE 'C27 H37 N3 O7 S'
#
# COMPACT_ATOMS: atom_id res chain seq x y z
N PRO A 1 7.91 -5.91 -4.04
CA PRO A 1 7.40 -6.60 -5.23
C PRO A 1 8.28 -6.50 -6.47
N GLN A 2 7.83 -7.05 -7.59
CA GLN A 2 8.48 -6.88 -8.88
C GLN A 2 7.64 -5.93 -9.72
N ILE A 3 8.28 -5.06 -10.49
CA ILE A 3 7.56 -4.05 -11.26
C ILE A 3 8.19 -4.04 -12.65
N THR A 4 7.41 -4.37 -13.66
CA THR A 4 7.88 -4.25 -15.03
C THR A 4 7.76 -2.78 -15.46
N LEU A 5 8.30 -2.51 -16.63
CA LEU A 5 8.41 -1.15 -17.07
C LEU A 5 7.64 -0.90 -18.36
N TRP A 6 6.64 -1.75 -18.69
CA TRP A 6 5.81 -1.51 -19.87
C TRP A 6 4.90 -0.33 -19.67
N LYS A 7 4.57 0.01 -18.43
CA LYS A 7 3.85 1.22 -18.04
C LYS A 7 4.74 2.04 -17.13
N ARG A 8 4.31 3.27 -16.87
CA ARG A 8 5.06 4.14 -15.99
C ARG A 8 5.00 3.55 -14.60
N PRO A 9 6.10 3.37 -13.92
CA PRO A 9 6.03 2.69 -12.61
C PRO A 9 5.64 3.57 -11.43
N PHE A 10 4.33 3.84 -11.33
CA PHE A 10 3.78 4.63 -10.24
C PHE A 10 3.50 3.74 -9.03
N VAL A 11 3.75 4.27 -7.85
CA VAL A 11 3.40 3.59 -6.62
C VAL A 11 2.78 4.65 -5.73
N THR A 12 2.00 4.19 -4.79
CA THR A 12 1.46 5.08 -3.76
C THR A 12 2.49 5.26 -2.64
N ILE A 13 2.70 6.48 -2.24
CA ILE A 13 3.60 6.78 -1.15
C ILE A 13 2.74 7.50 -0.11
N LYS A 14 3.23 7.47 1.11
CA LYS A 14 2.60 8.12 2.24
C LYS A 14 3.66 9.00 2.90
N ILE A 15 3.37 10.29 2.95
CA ILE A 15 4.26 11.29 3.50
C ILE A 15 3.40 12.23 4.33
N GLY A 16 3.76 12.40 5.61
CA GLY A 16 3.01 13.28 6.52
C GLY A 16 1.53 12.99 6.63
N GLY A 17 1.18 11.72 6.48
CA GLY A 17 -0.20 11.29 6.52
C GLY A 17 -0.93 11.43 5.21
N GLN A 18 -0.28 11.96 4.15
CA GLN A 18 -0.92 12.26 2.89
C GLN A 18 -0.56 11.14 1.92
N LEU A 19 -1.55 10.64 1.20
CA LEU A 19 -1.28 9.62 0.18
C LEU A 19 -1.00 10.32 -1.14
N LYS A 20 0.00 9.83 -1.87
CA LYS A 20 0.34 10.45 -3.14
C LYS A 20 0.85 9.36 -4.08
N GLU A 21 0.67 9.58 -5.38
CA GLU A 21 1.21 8.72 -6.43
C GLU A 21 2.53 9.34 -6.86
N ALA A 22 3.55 8.52 -6.97
CA ALA A 22 4.86 8.97 -7.39
C ALA A 22 5.50 7.95 -8.33
N LEU A 23 6.34 8.45 -9.23
CA LEU A 23 7.06 7.61 -10.17
C LEU A 23 8.37 7.06 -9.59
N LEU A 24 8.58 5.76 -9.69
CA LEU A 24 9.86 5.22 -9.23
C LEU A 24 10.93 5.52 -10.29
N ASP A 25 11.89 6.43 -9.98
CA ASP A 25 12.78 6.97 -11.04
C ASP A 25 14.28 6.81 -10.76
N THR A 26 14.92 5.84 -11.40
CA THR A 26 16.32 5.56 -11.18
C THR A 26 17.19 6.65 -11.79
N GLY A 27 16.63 7.48 -12.68
CA GLY A 27 17.37 8.64 -13.14
C GLY A 27 17.39 9.84 -12.28
N ALA A 28 16.61 9.82 -11.22
CA ALA A 28 16.47 10.93 -10.31
C ALA A 28 17.39 10.67 -9.13
N ASP A 29 18.32 11.60 -8.90
CA ASP A 29 19.22 11.46 -7.75
C ASP A 29 18.45 11.49 -6.42
N ASP A 30 17.43 12.35 -6.30
CA ASP A 30 16.67 12.52 -5.06
C ASP A 30 15.17 12.70 -5.34
N THR A 31 14.36 12.17 -4.43
CA THR A 31 12.93 12.35 -4.45
C THR A 31 12.56 13.85 -4.56
N VAL A 32 11.71 14.14 -5.53
CA VAL A 32 11.16 15.47 -5.74
C VAL A 32 9.62 15.39 -5.78
N LEU A 33 8.97 16.11 -4.90
CA LEU A 33 7.53 16.18 -4.89
C LEU A 33 6.96 17.53 -5.31
N GLU A 34 5.78 17.50 -5.88
CA GLU A 34 5.03 18.71 -6.22
C GLU A 34 4.80 19.52 -4.97
N GLU A 35 4.51 20.81 -5.17
CA GLU A 35 4.32 21.79 -4.10
C GLU A 35 3.48 21.26 -2.95
N MET A 36 4.08 21.26 -1.78
CA MET A 36 3.38 20.83 -0.59
C MET A 36 4.06 21.48 0.61
N ASN A 37 3.36 21.45 1.73
CA ASN A 37 3.86 21.94 3.02
C ASN A 37 4.46 20.79 3.82
N LEU A 38 5.69 20.95 4.25
CA LEU A 38 6.34 20.07 5.20
C LEU A 38 6.88 20.89 6.37
N PRO A 39 6.94 20.29 7.55
CA PRO A 39 7.49 20.99 8.70
C PRO A 39 9.00 20.93 8.70
N GLY A 40 9.56 21.89 9.44
CA GLY A 40 10.97 21.85 9.80
C GLY A 40 11.80 22.69 8.86
N ARG A 41 13.11 22.62 9.01
CA ARG A 41 13.98 23.53 8.28
C ARG A 41 14.11 23.00 6.85
N TRP A 42 14.40 23.91 5.92
CA TRP A 42 14.72 23.59 4.55
C TRP A 42 15.81 24.52 4.04
N LYS A 43 16.40 24.15 2.94
CA LYS A 43 17.37 25.01 2.25
C LYS A 43 17.07 24.90 0.77
N PRO A 44 17.24 25.98 0.02
CA PRO A 44 17.00 25.91 -1.44
C PRO A 44 18.04 25.11 -2.17
N LYS A 45 17.64 24.54 -3.33
CA LYS A 45 18.56 23.73 -4.13
C LYS A 45 18.11 23.92 -5.56
N ILE A 46 19.05 23.68 -6.50
CA ILE A 46 18.74 23.73 -7.91
C ILE A 46 18.91 22.33 -8.46
N VAL A 47 17.92 21.84 -9.19
CA VAL A 47 18.06 20.55 -9.86
C VAL A 47 17.84 20.78 -11.34
N GLY A 48 18.46 19.91 -12.14
CA GLY A 48 18.43 20.07 -13.58
C GLY A 48 18.01 18.79 -14.26
N GLY A 49 17.22 18.92 -15.28
CA GLY A 49 16.86 17.81 -16.14
C GLY A 49 16.68 18.23 -17.58
N VAL A 50 15.88 17.43 -18.32
CA VAL A 50 15.52 17.78 -19.69
C VAL A 50 14.71 19.08 -19.70
N GLY A 51 15.17 20.02 -20.49
CA GLY A 51 14.50 21.29 -20.56
C GLY A 51 15.06 22.35 -19.62
N GLY A 52 15.96 22.02 -18.63
CA GLY A 52 16.51 23.12 -17.87
C GLY A 52 16.37 22.88 -16.35
N LEU A 53 16.43 23.97 -15.61
CA LEU A 53 16.62 23.88 -14.18
C LEU A 53 15.34 24.31 -13.49
N ILE A 54 15.20 23.80 -12.26
CA ILE A 54 14.16 24.29 -11.35
C ILE A 54 14.79 24.47 -9.96
N LYS A 55 14.18 25.37 -9.20
CA LYS A 55 14.46 25.64 -7.81
C LYS A 55 13.51 24.78 -6.98
N VAL A 56 14.04 24.08 -6.01
CA VAL A 56 13.29 23.28 -5.04
C VAL A 56 13.72 23.59 -3.61
N ARG A 57 12.89 23.20 -2.65
CA ARG A 57 13.23 23.27 -1.24
C ARG A 57 13.62 21.90 -0.74
N GLN A 58 14.76 21.81 -0.08
CA GLN A 58 15.25 20.56 0.46
C GLN A 58 14.92 20.43 1.93
N TYR A 59 14.14 19.41 2.28
CA TYR A 59 13.80 19.06 3.64
C TYR A 59 14.54 17.77 3.95
N ASP A 60 15.28 17.76 5.03
CA ASP A 60 15.94 16.55 5.44
C ASP A 60 15.19 15.76 6.53
N GLN A 61 15.47 14.47 6.60
CA GLN A 61 14.92 13.62 7.66
C GLN A 61 13.38 13.65 7.72
N ILE A 62 12.75 13.42 6.59
CA ILE A 62 11.30 13.37 6.49
C ILE A 62 10.86 11.92 6.46
N PRO A 63 9.94 11.50 7.29
CA PRO A 63 9.47 10.10 7.20
C PRO A 63 8.62 9.85 5.94
N ILE A 64 8.91 8.78 5.25
CA ILE A 64 8.18 8.45 4.06
C ILE A 64 8.01 6.95 4.02
N GLU A 65 6.83 6.52 3.63
CA GLU A 65 6.44 5.12 3.63
C GLU A 65 6.11 4.75 2.19
N ILE A 66 6.64 3.62 1.73
CA ILE A 66 6.43 3.13 0.38
C ILE A 66 6.19 1.64 0.42
N CYS A 67 5.02 1.20 -0.03
CA CYS A 67 4.68 -0.21 -0.07
C CYS A 67 5.14 -0.94 1.18
N GLY A 68 4.75 -0.40 2.33
CA GLY A 68 5.09 -0.94 3.62
C GLY A 68 6.53 -0.78 4.04
N HIS A 69 7.38 -0.15 3.25
CA HIS A 69 8.75 0.12 3.65
C HIS A 69 8.85 1.57 4.13
N LYS A 70 9.22 1.75 5.37
CA LYS A 70 9.37 3.06 6.00
C LYS A 70 10.80 3.53 5.86
N ALA A 71 10.95 4.78 5.49
CA ALA A 71 12.26 5.38 5.38
C ALA A 71 12.20 6.78 5.97
N VAL A 72 13.35 7.31 6.30
CA VAL A 72 13.50 8.68 6.71
C VAL A 72 14.55 9.21 5.79
N SER A 73 14.18 10.17 4.94
CA SER A 73 15.12 10.61 3.91
C SER A 73 14.89 12.06 3.52
N THR A 74 15.75 12.53 2.63
CA THR A 74 15.63 13.89 2.10
C THR A 74 14.56 13.90 1.02
N VAL A 75 13.74 14.94 1.04
CA VAL A 75 12.64 15.17 0.14
C VAL A 75 12.80 16.57 -0.42
N LEU A 76 12.83 16.69 -1.71
CA LEU A 76 12.78 17.98 -2.36
C LEU A 76 11.35 18.31 -2.77
N VAL A 77 11.00 19.59 -2.67
CA VAL A 77 9.68 20.10 -3.04
C VAL A 77 9.82 21.26 -4.00
N GLY A 78 9.13 21.19 -5.12
CA GLY A 78 9.11 22.26 -6.08
C GLY A 78 8.20 22.03 -7.25
N PRO A 79 8.33 22.86 -8.32
CA PRO A 79 7.47 22.77 -9.50
C PRO A 79 7.81 21.64 -10.49
N THR A 80 7.92 20.41 -9.97
CA THR A 80 7.98 19.24 -10.84
C THR A 80 6.56 18.90 -11.33
N PRO A 81 6.39 18.49 -12.59
CA PRO A 81 5.03 18.16 -13.04
C PRO A 81 4.49 16.86 -12.45
N ILE A 82 5.33 16.05 -11.80
CA ILE A 82 4.86 14.83 -11.16
C ILE A 82 5.73 14.53 -9.95
N ASN A 83 5.17 13.77 -9.03
CA ASN A 83 5.94 13.27 -7.91
C ASN A 83 6.90 12.23 -8.40
N ILE A 84 8.16 12.38 -7.98
CA ILE A 84 9.25 11.48 -8.34
C ILE A 84 9.94 10.91 -7.09
N VAL A 85 10.03 9.59 -7.01
CA VAL A 85 10.87 8.93 -6.01
C VAL A 85 12.26 8.69 -6.62
N GLY A 86 13.31 9.23 -5.97
CA GLY A 86 14.66 9.16 -6.48
C GLY A 86 15.48 8.08 -5.80
N ARG A 87 16.75 7.99 -6.24
CA ARG A 87 17.64 6.91 -5.79
C ARG A 87 17.90 6.96 -4.27
N ASN A 88 17.94 8.16 -3.67
CA ASN A 88 18.14 8.27 -2.24
C ASN A 88 17.12 7.42 -1.50
N LEU A 89 15.84 7.39 -1.95
CA LEU A 89 14.84 6.57 -1.28
C LEU A 89 14.79 5.17 -1.84
N LEU A 90 15.00 4.99 -3.13
CA LEU A 90 15.00 3.62 -3.62
C LEU A 90 16.03 2.74 -2.91
N THR A 91 17.23 3.26 -2.67
CA THR A 91 18.24 2.47 -1.98
C THR A 91 17.82 2.09 -0.58
N GLN A 92 17.10 2.95 0.10
CA GLN A 92 16.74 2.74 1.50
C GLN A 92 15.64 1.70 1.64
N ILE A 93 14.96 1.36 0.57
CA ILE A 93 13.95 0.31 0.58
C ILE A 93 14.45 -0.93 -0.11
N GLY A 94 15.73 -0.96 -0.51
CA GLY A 94 16.31 -2.16 -1.12
C GLY A 94 15.97 -2.39 -2.58
N CYS A 95 15.59 -1.34 -3.30
CA CYS A 95 15.15 -1.50 -4.67
C CYS A 95 16.37 -1.58 -5.57
N THR A 96 16.33 -2.53 -6.51
CA THR A 96 17.37 -2.70 -7.52
C THR A 96 16.78 -2.86 -8.93
N LEU A 97 17.63 -2.68 -9.93
CA LEU A 97 17.28 -3.05 -11.27
C LEU A 97 17.74 -4.47 -11.55
N ASN A 98 16.87 -5.25 -12.19
CA ASN A 98 17.15 -6.64 -12.50
C ASN A 98 16.83 -6.94 -13.96
N PHE A 99 17.66 -7.74 -14.59
CA PHE A 99 17.32 -8.18 -15.97
C PHE A 99 18.03 -9.47 -16.25
N PRO B 1 -12.55 5.08 1.46
CA PRO B 1 -13.89 5.59 1.77
C PRO B 1 -14.24 5.55 3.23
N GLN B 2 -15.49 5.90 3.52
CA GLN B 2 -16.06 5.79 4.86
C GLN B 2 -17.10 4.69 4.85
N ILE B 3 -17.04 3.82 5.86
CA ILE B 3 -17.97 2.69 5.91
C ILE B 3 -18.66 2.71 7.26
N THR B 4 -19.98 2.90 7.25
CA THR B 4 -20.78 2.77 8.45
C THR B 4 -21.01 1.27 8.73
N LEU B 5 -21.60 1.00 9.87
CA LEU B 5 -21.67 -0.36 10.40
C LEU B 5 -23.10 -0.80 10.66
N TRP B 6 -24.08 -0.19 9.97
CA TRP B 6 -25.46 -0.64 10.07
C TRP B 6 -25.65 -1.96 9.38
N LYS B 7 -24.80 -2.27 8.43
CA LYS B 7 -24.66 -3.51 7.70
C LYS B 7 -23.27 -4.12 7.96
N ARG B 8 -23.13 -5.41 7.69
CA ARG B 8 -21.79 -6.02 7.71
C ARG B 8 -20.85 -5.32 6.74
N PRO B 9 -19.64 -4.93 7.17
CA PRO B 9 -18.73 -4.14 6.30
C PRO B 9 -17.95 -5.04 5.34
N PHE B 10 -18.65 -5.60 4.35
CA PHE B 10 -17.98 -6.35 3.27
C PHE B 10 -17.35 -5.40 2.27
N VAL B 11 -16.17 -5.79 1.80
CA VAL B 11 -15.53 -5.15 0.66
C VAL B 11 -15.04 -6.27 -0.25
N THR B 12 -14.80 -5.90 -1.49
CA THR B 12 -14.16 -6.79 -2.42
C THR B 12 -12.65 -6.73 -2.26
N ILE B 13 -12.04 -7.88 -2.23
CA ILE B 13 -10.59 -7.94 -2.26
C ILE B 13 -10.17 -8.74 -3.49
N LYS B 14 -9.01 -8.39 -4.02
CA LYS B 14 -8.36 -9.13 -5.10
C LYS B 14 -7.16 -9.85 -4.51
N ILE B 15 -7.22 -11.17 -4.53
CA ILE B 15 -6.19 -12.00 -3.97
C ILE B 15 -6.12 -13.26 -4.79
N GLY B 16 -4.89 -13.70 -5.06
CA GLY B 16 -4.71 -14.90 -5.88
C GLY B 16 -5.40 -14.81 -7.21
N GLY B 17 -5.48 -13.60 -7.77
CA GLY B 17 -6.15 -13.35 -9.03
C GLY B 17 -7.64 -13.55 -9.00
N GLN B 18 -8.23 -13.69 -7.82
CA GLN B 18 -9.65 -13.88 -7.64
C GLN B 18 -10.18 -12.67 -6.90
N LEU B 19 -11.46 -12.36 -7.15
CA LEU B 19 -12.20 -11.29 -6.47
C LEU B 19 -13.04 -11.97 -5.41
N LYS B 20 -12.89 -11.56 -4.16
CA LYS B 20 -13.60 -12.19 -3.07
C LYS B 20 -14.21 -11.12 -2.18
N GLU B 21 -15.36 -11.43 -1.61
CA GLU B 21 -15.99 -10.56 -0.61
C GLU B 21 -15.41 -10.94 0.76
N ALA B 22 -14.98 -9.95 1.53
CA ALA B 22 -14.36 -10.17 2.82
C ALA B 22 -14.95 -9.15 3.77
N LEU B 23 -15.12 -9.57 5.01
CA LEU B 23 -15.58 -8.70 6.07
C LEU B 23 -14.41 -7.97 6.72
N LEU B 24 -14.53 -6.66 6.85
CA LEU B 24 -13.49 -5.87 7.54
C LEU B 24 -13.69 -6.02 9.04
N ASP B 25 -12.80 -6.70 9.74
CA ASP B 25 -13.04 -7.19 11.09
C ASP B 25 -11.93 -6.71 12.05
N THR B 26 -12.22 -5.65 12.78
CA THR B 26 -11.27 -5.11 13.71
C THR B 26 -11.05 -6.03 14.93
N GLY B 27 -11.90 -7.02 15.19
CA GLY B 27 -11.67 -7.97 16.25
C GLY B 27 -10.83 -9.18 15.86
N ALA B 28 -10.32 -9.19 14.64
CA ALA B 28 -9.50 -10.28 14.09
C ALA B 28 -8.05 -9.79 14.03
N ASP B 29 -7.18 -10.48 14.75
CA ASP B 29 -5.75 -10.17 14.69
C ASP B 29 -5.24 -10.38 13.26
N ASP B 30 -5.79 -11.39 12.62
CA ASP B 30 -5.27 -11.94 11.36
C ASP B 30 -6.36 -12.11 10.31
N THR B 31 -5.94 -12.17 9.05
CA THR B 31 -6.83 -12.29 7.92
C THR B 31 -7.01 -13.77 7.59
N VAL B 32 -8.26 -14.25 7.62
CA VAL B 32 -8.62 -15.64 7.43
C VAL B 32 -9.59 -15.75 6.27
N LEU B 33 -9.23 -16.54 5.29
CA LEU B 33 -10.07 -16.78 4.12
C LEU B 33 -10.53 -18.24 4.03
N GLU B 34 -11.76 -18.41 3.55
CA GLU B 34 -12.30 -19.70 3.19
C GLU B 34 -11.38 -20.38 2.19
N GLU B 35 -11.51 -21.70 2.11
CA GLU B 35 -10.65 -22.55 1.29
C GLU B 35 -10.47 -22.00 -0.11
N MET B 36 -9.22 -21.83 -0.47
CA MET B 36 -8.82 -21.36 -1.79
C MET B 36 -7.40 -21.84 -1.99
N ASN B 37 -6.96 -21.80 -3.26
CA ASN B 37 -5.57 -22.07 -3.58
C ASN B 37 -4.76 -20.81 -3.56
N LEU B 38 -3.58 -20.89 -3.02
CA LEU B 38 -2.62 -19.81 -3.13
C LEU B 38 -1.26 -20.43 -3.41
N PRO B 39 -0.36 -19.66 -4.00
CA PRO B 39 0.94 -20.21 -4.43
C PRO B 39 2.01 -19.97 -3.40
N GLY B 40 2.97 -20.87 -3.40
CA GLY B 40 4.16 -20.76 -2.59
C GLY B 40 4.11 -21.66 -1.37
N ARG B 41 5.01 -21.40 -0.45
CA ARG B 41 5.18 -22.18 0.77
C ARG B 41 4.05 -21.78 1.74
N TRP B 42 3.74 -22.67 2.68
CA TRP B 42 2.77 -22.44 3.76
C TRP B 42 3.11 -23.35 4.94
N LYS B 43 2.64 -22.94 6.13
CA LYS B 43 2.85 -23.69 7.37
C LYS B 43 1.50 -23.85 8.05
N PRO B 44 1.18 -25.03 8.60
CA PRO B 44 -0.10 -25.18 9.31
C PRO B 44 -0.08 -24.41 10.61
N LYS B 45 -1.23 -23.80 10.94
CA LYS B 45 -1.33 -22.95 12.13
C LYS B 45 -2.71 -23.17 12.75
N ILE B 46 -2.85 -22.72 13.97
CA ILE B 46 -4.12 -22.82 14.66
C ILE B 46 -4.66 -21.43 14.87
N VAL B 47 -5.98 -21.25 14.69
CA VAL B 47 -6.69 -20.01 15.04
C VAL B 47 -7.87 -20.32 15.93
N GLY B 48 -8.06 -19.47 16.92
CA GLY B 48 -9.14 -19.61 17.91
C GLY B 48 -10.10 -18.44 17.86
N GLY B 49 -11.39 -18.75 17.82
CA GLY B 49 -12.43 -17.73 17.90
C GLY B 49 -13.46 -18.04 18.97
N VAL B 50 -14.67 -17.53 18.79
CA VAL B 50 -15.68 -17.68 19.82
C VAL B 50 -16.08 -19.15 20.00
N GLY B 51 -16.17 -19.91 18.90
CA GLY B 51 -16.63 -21.28 19.03
C GLY B 51 -15.57 -22.37 19.23
N GLY B 52 -14.28 -22.02 19.30
CA GLY B 52 -13.25 -23.03 19.42
C GLY B 52 -12.17 -22.80 18.40
N LEU B 53 -11.43 -23.85 18.02
CA LEU B 53 -10.23 -23.74 17.22
C LEU B 53 -10.46 -24.32 15.84
N ILE B 54 -9.76 -23.75 14.86
CA ILE B 54 -9.64 -24.36 13.56
C ILE B 54 -8.17 -24.36 13.18
N LYS B 55 -7.87 -25.25 12.22
CA LYS B 55 -6.58 -25.41 11.58
C LYS B 55 -6.61 -24.63 10.28
N VAL B 56 -5.54 -23.93 10.01
CA VAL B 56 -5.44 -23.07 8.83
C VAL B 56 -4.07 -23.26 8.21
N ARG B 57 -3.95 -22.87 6.94
CA ARG B 57 -2.68 -22.79 6.26
C ARG B 57 -2.25 -21.34 6.22
N GLN B 58 -1.07 -21.05 6.76
CA GLN B 58 -0.53 -19.71 6.75
C GLN B 58 0.39 -19.47 5.53
N TYR B 59 0.02 -18.51 4.69
CA TYR B 59 0.80 -18.10 3.54
C TYR B 59 1.38 -16.74 3.82
N ASP B 60 2.70 -16.60 3.69
CA ASP B 60 3.32 -15.30 3.87
C ASP B 60 3.57 -14.60 2.54
N GLN B 61 3.70 -13.27 2.62
CA GLN B 61 4.06 -12.45 1.43
C GLN B 61 3.13 -12.65 0.22
N ILE B 62 1.84 -12.62 0.48
CA ILE B 62 0.82 -12.74 -0.56
C ILE B 62 0.35 -11.34 -0.92
N PRO B 63 0.36 -10.97 -2.19
CA PRO B 63 -0.19 -9.66 -2.60
C PRO B 63 -1.72 -9.60 -2.52
N ILE B 64 -2.22 -8.51 -1.97
CA ILE B 64 -3.67 -8.26 -1.84
C ILE B 64 -3.96 -6.82 -2.20
N GLU B 65 -5.09 -6.57 -2.82
CA GLU B 65 -5.51 -5.23 -3.18
C GLU B 65 -6.93 -5.05 -2.66
N ILE B 66 -7.17 -3.94 -1.96
CA ILE B 66 -8.48 -3.64 -1.39
C ILE B 66 -8.83 -2.20 -1.70
N CYS B 67 -9.87 -2.01 -2.51
CA CYS B 67 -10.31 -0.68 -2.94
C CYS B 67 -9.12 0.20 -3.32
N GLY B 68 -8.27 -0.33 -4.19
CA GLY B 68 -7.13 0.41 -4.70
C GLY B 68 -5.91 0.43 -3.81
N HIS B 69 -5.99 -0.04 -2.57
CA HIS B 69 -4.84 -0.07 -1.69
C HIS B 69 -4.15 -1.43 -1.81
N LYS B 70 -2.90 -1.42 -2.22
CA LYS B 70 -2.14 -2.63 -2.44
C LYS B 70 -1.32 -2.96 -1.20
N ALA B 71 -1.29 -4.23 -0.85
CA ALA B 71 -0.49 -4.66 0.26
C ALA B 71 0.06 -6.05 -0.03
N VAL B 72 1.12 -6.42 0.69
CA VAL B 72 1.69 -7.77 0.74
C VAL B 72 1.67 -8.18 2.20
N SER B 73 0.99 -9.29 2.50
CA SER B 73 0.85 -9.64 3.90
C SER B 73 0.64 -11.13 4.05
N THR B 74 0.54 -11.53 5.32
CA THR B 74 0.22 -12.90 5.66
C THR B 74 -1.26 -13.10 5.52
N VAL B 75 -1.61 -14.26 5.00
CA VAL B 75 -2.98 -14.71 4.81
C VAL B 75 -3.10 -16.10 5.39
N LEU B 76 -4.17 -16.34 6.14
CA LEU B 76 -4.53 -17.68 6.61
C LEU B 76 -5.75 -18.19 5.84
N VAL B 77 -5.71 -19.47 5.52
CA VAL B 77 -6.72 -20.16 4.74
C VAL B 77 -7.23 -21.37 5.51
N GLY B 78 -8.53 -21.42 5.69
CA GLY B 78 -9.16 -22.52 6.38
C GLY B 78 -10.66 -22.38 6.56
N PRO B 79 -11.26 -23.31 7.32
CA PRO B 79 -12.74 -23.36 7.41
C PRO B 79 -13.29 -22.28 8.32
N THR B 80 -13.03 -21.02 7.99
CA THR B 80 -13.82 -19.95 8.59
C THR B 80 -15.18 -19.91 7.90
N PRO B 81 -16.25 -19.55 8.62
CA PRO B 81 -17.56 -19.40 7.94
C PRO B 81 -17.63 -18.20 7.03
N ILE B 82 -16.69 -17.26 7.12
CA ILE B 82 -16.70 -16.05 6.29
C ILE B 82 -15.27 -15.57 6.11
N ASN B 83 -14.97 -15.03 4.95
CA ASN B 83 -13.71 -14.37 4.68
C ASN B 83 -13.59 -13.14 5.58
N ILE B 84 -12.53 -13.06 6.39
CA ILE B 84 -12.28 -12.00 7.35
C ILE B 84 -10.97 -11.29 7.02
N VAL B 85 -11.03 -9.96 6.87
CA VAL B 85 -9.84 -9.12 6.80
C VAL B 85 -9.52 -8.60 8.21
N GLY B 86 -8.37 -9.02 8.76
CA GLY B 86 -7.97 -8.70 10.11
C GLY B 86 -7.06 -7.49 10.19
N ARG B 87 -6.64 -7.19 11.45
CA ARG B 87 -5.88 -5.96 11.69
C ARG B 87 -4.54 -5.97 10.99
N ASN B 88 -3.95 -7.16 10.75
CA ASN B 88 -2.68 -7.18 10.05
C ASN B 88 -2.74 -6.48 8.72
N LEU B 89 -3.87 -6.58 8.00
CA LEU B 89 -4.07 -5.89 6.72
C LEU B 89 -4.77 -4.53 6.84
N LEU B 90 -5.70 -4.36 7.79
CA LEU B 90 -6.29 -3.04 8.01
C LEU B 90 -5.24 -1.96 8.29
N THR B 91 -4.23 -2.27 9.07
CA THR B 91 -3.22 -1.27 9.34
C THR B 91 -2.39 -0.95 8.11
N GLN B 92 -2.20 -1.91 7.23
CA GLN B 92 -1.40 -1.68 6.03
C GLN B 92 -2.11 -0.79 5.02
N ILE B 93 -3.44 -0.74 5.03
CA ILE B 93 -4.19 0.11 4.14
C ILE B 93 -4.61 1.41 4.82
N GLY B 94 -4.20 1.63 6.06
CA GLY B 94 -4.46 2.89 6.73
C GLY B 94 -5.85 2.99 7.33
N CYS B 95 -6.45 1.84 7.65
CA CYS B 95 -7.81 1.86 8.18
C CYS B 95 -7.80 2.24 9.65
N THR B 96 -8.76 3.09 10.01
CA THR B 96 -8.95 3.43 11.41
C THR B 96 -10.42 3.37 11.79
N LEU B 97 -10.69 3.33 13.08
CA LEU B 97 -12.03 3.56 13.58
C LEU B 97 -12.18 5.02 13.95
N ASN B 98 -13.34 5.59 13.67
CA ASN B 98 -13.59 7.00 13.86
C ASN B 98 -14.91 7.19 14.56
N PHE B 99 -14.91 8.06 15.57
CA PHE B 99 -16.11 8.29 16.41
C PHE B 99 -16.60 9.77 16.37
N PRO C 1 -12.93 11.23 18.23
CA PRO C 1 -11.55 10.82 18.01
C PRO C 1 -11.40 9.57 17.11
N GLN C 2 -10.21 9.04 17.08
CA GLN C 2 -9.83 7.92 16.24
C GLN C 2 -9.19 6.86 17.09
N ILE C 3 -9.24 5.62 16.61
CA ILE C 3 -8.45 4.53 17.14
C ILE C 3 -7.79 3.85 15.93
N THR C 4 -6.47 3.74 15.99
CA THR C 4 -5.72 2.96 15.05
C THR C 4 -5.76 1.49 15.43
N LEU C 5 -5.22 0.64 14.58
CA LEU C 5 -5.40 -0.81 14.72
C LEU C 5 -4.11 -1.62 14.86
N TRP C 6 -3.04 -0.94 15.28
CA TRP C 6 -1.79 -1.64 15.51
C TRP C 6 -1.92 -2.55 16.72
N LYS C 7 -2.74 -2.20 17.67
CA LYS C 7 -3.03 -2.96 18.87
C LYS C 7 -4.50 -3.38 18.84
N ARG C 8 -4.84 -4.38 19.65
CA ARG C 8 -6.24 -4.77 19.80
C ARG C 8 -7.04 -3.61 20.39
N PRO C 9 -8.12 -3.19 19.75
CA PRO C 9 -8.84 -1.96 20.21
C PRO C 9 -9.81 -2.22 21.36
N PHE C 10 -9.25 -2.27 22.56
CA PHE C 10 -10.02 -2.38 23.78
C PHE C 10 -10.50 -1.00 24.24
N VAL C 11 -11.71 -0.95 24.78
CA VAL C 11 -12.22 0.24 25.44
C VAL C 11 -12.82 -0.25 26.74
N THR C 12 -12.92 0.65 27.68
CA THR C 12 -13.63 0.34 28.91
C THR C 12 -15.13 0.59 28.73
N ILE C 13 -15.98 -0.26 29.32
CA ILE C 13 -17.41 -0.07 29.29
C ILE C 13 -17.85 -0.20 30.71
N LYS C 14 -18.91 0.51 31.04
CA LYS C 14 -19.56 0.43 32.35
C LYS C 14 -20.98 -0.11 32.18
N ILE C 15 -21.29 -1.19 32.88
CA ILE C 15 -22.54 -1.93 32.68
C ILE C 15 -22.96 -2.42 34.04
N GLY C 16 -24.13 -2.00 34.48
CA GLY C 16 -24.63 -2.38 35.79
C GLY C 16 -23.75 -1.96 36.94
N GLY C 17 -23.02 -0.86 36.77
CA GLY C 17 -22.06 -0.40 37.73
C GLY C 17 -20.75 -1.15 37.73
N GLN C 18 -20.55 -2.09 36.80
CA GLN C 18 -19.32 -2.84 36.65
C GLN C 18 -18.51 -2.26 35.49
N LEU C 19 -17.21 -2.09 35.71
CA LEU C 19 -16.25 -1.71 34.67
C LEU C 19 -15.69 -2.96 34.02
N LYS C 20 -15.69 -2.99 32.71
CA LYS C 20 -15.20 -4.14 32.00
C LYS C 20 -14.45 -3.62 30.79
N GLU C 21 -13.54 -4.45 30.35
CA GLU C 21 -12.78 -4.20 29.12
C GLU C 21 -13.42 -4.99 27.99
N ALA C 22 -13.55 -4.36 26.81
CA ALA C 22 -14.21 -5.06 25.72
C ALA C 22 -13.57 -4.60 24.42
N LEU C 23 -13.55 -5.51 23.47
CA LEU C 23 -12.93 -5.33 22.14
C LEU C 23 -13.90 -4.76 21.13
N LEU C 24 -13.53 -3.64 20.50
CA LEU C 24 -14.35 -3.07 19.43
C LEU C 24 -14.22 -3.92 18.19
N ASP C 25 -15.31 -4.52 17.78
CA ASP C 25 -15.28 -5.57 16.75
C ASP C 25 -16.28 -5.34 15.64
N THR C 26 -15.79 -4.76 14.54
CA THR C 26 -16.68 -4.61 13.37
C THR C 26 -17.13 -5.95 12.72
N GLY C 27 -16.44 -7.05 12.96
CA GLY C 27 -16.90 -8.36 12.49
C GLY C 27 -17.99 -8.97 13.35
N ALA C 28 -18.29 -8.41 14.51
CA ALA C 28 -19.29 -8.97 15.39
C ALA C 28 -20.61 -8.25 15.12
N ASP C 29 -21.65 -9.02 14.78
CA ASP C 29 -22.97 -8.42 14.56
C ASP C 29 -23.50 -7.83 15.87
N ASP C 30 -23.28 -8.54 16.98
CA ASP C 30 -23.83 -8.17 18.29
C ASP C 30 -22.78 -8.21 19.39
N THR C 31 -23.04 -7.45 20.44
CA THR C 31 -22.21 -7.39 21.60
C THR C 31 -22.37 -8.63 22.46
N VAL C 32 -21.25 -9.23 22.83
CA VAL C 32 -21.30 -10.47 23.60
C VAL C 32 -20.28 -10.42 24.73
N LEU C 33 -20.75 -10.59 25.97
CA LEU C 33 -19.95 -10.48 27.17
C LEU C 33 -19.82 -11.83 27.86
N GLU C 34 -18.71 -11.99 28.56
CA GLU C 34 -18.45 -13.15 29.37
C GLU C 34 -19.47 -13.22 30.50
N GLU C 35 -19.61 -14.39 31.05
CA GLU C 35 -20.67 -14.67 32.03
C GLU C 35 -20.77 -13.59 33.08
N MET C 36 -22.00 -13.14 33.32
CA MET C 36 -22.27 -12.15 34.34
C MET C 36 -23.78 -12.17 34.60
N ASN C 37 -24.21 -11.61 35.71
CA ASN C 37 -25.63 -11.55 36.04
C ASN C 37 -26.17 -10.21 35.57
N LEU C 38 -27.17 -10.22 34.72
CA LEU C 38 -27.86 -8.98 34.37
C LEU C 38 -29.31 -9.05 34.85
N PRO C 39 -29.98 -7.92 35.10
CA PRO C 39 -31.39 -7.98 35.49
C PRO C 39 -32.28 -8.09 34.28
N GLY C 40 -33.48 -8.60 34.51
CA GLY C 40 -34.55 -8.61 33.51
C GLY C 40 -34.63 -9.92 32.75
N ARG C 41 -35.56 -9.91 31.80
CA ARG C 41 -35.88 -11.08 31.01
C ARG C 41 -34.75 -11.32 30.01
N TRP C 42 -34.61 -12.58 29.59
CA TRP C 42 -33.69 -12.91 28.51
C TRP C 42 -34.26 -14.05 27.70
N LYS C 43 -33.78 -14.19 26.46
CA LYS C 43 -34.15 -15.25 25.55
C LYS C 43 -32.88 -15.91 25.01
N PRO C 44 -32.91 -17.19 24.79
CA PRO C 44 -31.70 -17.87 24.29
C PRO C 44 -31.48 -17.59 22.82
N LYS C 45 -30.20 -17.58 22.44
CA LYS C 45 -29.83 -17.35 21.04
C LYS C 45 -28.58 -18.16 20.76
N ILE C 46 -28.35 -18.45 19.47
CA ILE C 46 -27.13 -19.10 19.02
C ILE C 46 -26.25 -18.05 18.32
N VAL C 47 -24.97 -18.01 18.68
CA VAL C 47 -23.95 -17.15 18.10
C VAL C 47 -22.95 -18.09 17.44
N GLY C 48 -22.52 -17.72 16.27
CA GLY C 48 -21.61 -18.57 15.55
C GLY C 48 -20.41 -17.81 15.09
N GLY C 49 -19.22 -18.37 15.26
CA GLY C 49 -18.02 -17.73 14.76
C GLY C 49 -17.00 -18.71 14.23
N VAL C 50 -15.73 -18.32 14.27
CA VAL C 50 -14.67 -19.25 13.92
C VAL C 50 -14.63 -20.36 14.98
N GLY C 51 -14.60 -21.59 14.54
CA GLY C 51 -14.57 -22.71 15.45
C GLY C 51 -15.92 -23.27 15.85
N GLY C 52 -17.03 -22.57 15.53
CA GLY C 52 -18.35 -23.13 15.75
C GLY C 52 -19.27 -22.18 16.57
N LEU C 53 -20.27 -22.80 17.16
CA LEU C 53 -21.40 -22.12 17.77
C LEU C 53 -21.29 -22.16 19.29
N ILE C 54 -21.86 -21.16 19.93
CA ILE C 54 -22.08 -21.17 21.38
C ILE C 54 -23.51 -20.71 21.65
N LYS C 55 -24.02 -21.12 22.85
CA LYS C 55 -25.31 -20.67 23.36
C LYS C 55 -25.10 -19.45 24.24
N VAL C 56 -25.98 -18.46 24.08
CA VAL C 56 -25.93 -17.22 24.85
C VAL C 56 -27.31 -16.81 25.30
N ARG C 57 -27.35 -15.91 26.29
CA ARG C 57 -28.56 -15.26 26.80
C ARG C 57 -28.59 -13.85 26.27
N GLN C 58 -29.72 -13.48 25.67
CA GLN C 58 -29.93 -12.17 25.08
C GLN C 58 -30.78 -11.30 26.01
N TYR C 59 -30.19 -10.21 26.48
CA TYR C 59 -30.85 -9.22 27.31
C TYR C 59 -31.04 -7.97 26.49
N ASP C 60 -32.29 -7.48 26.40
CA ASP C 60 -32.58 -6.26 25.64
C ASP C 60 -32.62 -5.02 26.55
N GLN C 61 -32.36 -3.89 25.94
CA GLN C 61 -32.45 -2.57 26.61
C GLN C 61 -31.63 -2.48 27.90
N ILE C 62 -30.37 -2.83 27.81
CA ILE C 62 -29.40 -2.72 28.89
C ILE C 62 -28.60 -1.42 28.72
N PRO C 63 -28.48 -0.60 29.74
CA PRO C 63 -27.64 0.61 29.67
C PRO C 63 -26.18 0.27 29.80
N ILE C 64 -25.38 0.87 28.93
CA ILE C 64 -23.95 0.75 28.90
C ILE C 64 -23.34 2.12 28.60
N GLU C 65 -22.36 2.52 29.43
CA GLU C 65 -21.56 3.72 29.16
C GLU C 65 -20.36 3.25 28.37
N ILE C 66 -20.13 3.88 27.25
CA ILE C 66 -19.06 3.47 26.34
C ILE C 66 -18.70 4.69 25.48
N CYS C 67 -17.42 5.00 25.42
CA CYS C 67 -16.86 6.02 24.52
C CYS C 67 -17.63 7.32 24.62
N GLY C 68 -17.98 7.67 25.85
CA GLY C 68 -18.68 8.89 26.24
C GLY C 68 -20.14 8.92 25.95
N HIS C 69 -20.74 7.78 25.54
CA HIS C 69 -22.16 7.70 25.27
C HIS C 69 -22.90 7.00 26.38
N LYS C 70 -24.11 7.45 26.66
CA LYS C 70 -25.02 6.77 27.60
C LYS C 70 -25.89 5.93 26.69
N ALA C 71 -25.39 4.76 26.34
CA ALA C 71 -26.09 3.93 25.40
C ALA C 71 -27.03 2.98 26.11
N VAL C 72 -27.97 2.45 25.33
CA VAL C 72 -28.92 1.42 25.76
C VAL C 72 -28.99 0.39 24.66
N SER C 73 -28.71 -0.86 24.99
CA SER C 73 -28.66 -1.79 23.88
C SER C 73 -28.89 -3.23 24.31
N THR C 74 -28.97 -4.06 23.31
CA THR C 74 -29.03 -5.49 23.51
C THR C 74 -27.63 -6.06 23.76
N VAL C 75 -27.53 -6.97 24.71
CA VAL C 75 -26.30 -7.59 25.14
C VAL C 75 -26.53 -9.10 25.15
N LEU C 76 -25.66 -9.83 24.51
CA LEU C 76 -25.59 -11.27 24.65
C LEU C 76 -24.57 -11.68 25.70
N VAL C 77 -24.92 -12.71 26.48
CA VAL C 77 -24.10 -13.18 27.60
C VAL C 77 -23.89 -14.67 27.44
N GLY C 78 -22.61 -15.08 27.39
CA GLY C 78 -22.25 -16.46 27.31
C GLY C 78 -20.75 -16.70 27.29
N PRO C 79 -20.35 -17.95 26.88
CA PRO C 79 -18.97 -18.40 27.01
C PRO C 79 -18.04 -17.93 25.91
N THR C 80 -18.04 -16.63 25.67
CA THR C 80 -17.01 -16.03 24.83
C THR C 80 -15.74 -15.89 25.65
N PRO C 81 -14.57 -16.00 25.03
CA PRO C 81 -13.32 -15.80 25.77
C PRO C 81 -12.98 -14.35 26.07
N ILE C 82 -13.63 -13.36 25.42
CA ILE C 82 -13.44 -11.95 25.74
C ILE C 82 -14.75 -11.20 25.51
N ASN C 83 -14.88 -10.09 26.20
CA ASN C 83 -15.98 -9.17 25.99
C ASN C 83 -15.84 -8.52 24.62
N ILE C 84 -16.90 -8.54 23.84
CA ILE C 84 -16.88 -8.02 22.46
C ILE C 84 -17.98 -6.98 22.24
N VAL C 85 -17.63 -5.82 21.70
CA VAL C 85 -18.58 -4.79 21.32
C VAL C 85 -18.79 -4.97 19.84
N GLY C 86 -20.02 -5.30 19.44
CA GLY C 86 -20.38 -5.55 18.07
C GLY C 86 -21.03 -4.35 17.42
N ARG C 87 -21.51 -4.58 16.19
CA ARG C 87 -22.00 -3.50 15.33
C ARG C 87 -23.26 -2.84 15.89
N ASN C 88 -24.10 -3.59 16.66
CA ASN C 88 -25.29 -2.99 17.23
C ASN C 88 -24.94 -1.79 18.09
N LEU C 89 -23.88 -1.88 18.82
CA LEU C 89 -23.48 -0.81 19.73
C LEU C 89 -22.53 0.16 19.04
N LEU C 90 -21.71 -0.30 18.09
CA LEU C 90 -20.85 0.64 17.37
C LEU C 90 -21.66 1.67 16.56
N THR C 91 -22.74 1.24 15.92
CA THR C 91 -23.56 2.14 15.18
C THR C 91 -24.22 3.12 16.12
N GLN C 92 -24.67 2.69 17.31
CA GLN C 92 -25.34 3.60 18.21
C GLN C 92 -24.41 4.71 18.62
N ILE C 93 -23.11 4.44 18.70
CA ILE C 93 -22.20 5.49 19.10
C ILE C 93 -21.55 6.19 17.92
N GLY C 94 -22.01 5.93 16.68
CA GLY C 94 -21.59 6.70 15.53
C GLY C 94 -20.24 6.29 14.98
N CYS C 95 -19.81 5.07 15.24
CA CYS C 95 -18.48 4.61 14.81
C CYS C 95 -18.45 4.14 13.35
N THR C 96 -17.42 4.57 12.63
CA THR C 96 -17.26 4.17 11.25
C THR C 96 -15.83 3.73 10.98
N LEU C 97 -15.68 2.94 9.92
CA LEU C 97 -14.37 2.61 9.41
C LEU C 97 -14.05 3.59 8.28
N ASN C 98 -12.80 4.00 8.21
CA ASN C 98 -12.28 4.96 7.22
C ASN C 98 -10.90 4.58 6.76
N PHE C 99 -10.68 4.53 5.45
CA PHE C 99 -9.32 4.43 4.91
C PHE C 99 -9.25 5.17 3.56
N PRO D 1 22.03 -10.06 -14.49
CA PRO D 1 22.42 -9.65 -13.13
C PRO D 1 21.52 -8.54 -12.56
N GLN D 2 22.07 -7.86 -11.59
CA GLN D 2 21.39 -6.81 -10.83
C GLN D 2 22.23 -5.55 -10.82
N ILE D 3 21.57 -4.40 -10.64
CA ILE D 3 22.26 -3.12 -10.50
C ILE D 3 21.61 -2.43 -9.32
N THR D 4 22.43 -2.12 -8.33
CA THR D 4 22.01 -1.32 -7.20
C THR D 4 22.03 0.16 -7.58
N LEU D 5 21.48 0.98 -6.67
CA LEU D 5 21.24 2.39 -6.99
C LEU D 5 21.91 3.38 -6.03
N TRP D 6 22.98 2.97 -5.37
CA TRP D 6 23.75 3.90 -4.56
C TRP D 6 24.46 4.90 -5.43
N LYS D 7 24.77 4.52 -6.65
CA LYS D 7 25.42 5.32 -7.67
C LYS D 7 24.46 5.51 -8.86
N ARG D 8 24.72 6.51 -9.67
CA ARG D 8 23.98 6.70 -10.93
C ARG D 8 24.18 5.48 -11.82
N PRO D 9 23.10 4.80 -12.29
CA PRO D 9 23.28 3.55 -13.04
C PRO D 9 23.56 3.80 -14.52
N PHE D 10 24.80 4.15 -14.78
CA PHE D 10 25.31 4.31 -16.13
C PHE D 10 25.68 2.94 -16.73
N VAL D 11 25.40 2.76 -18.02
CA VAL D 11 25.84 1.57 -18.71
C VAL D 11 26.44 2.10 -19.99
N THR D 12 27.27 1.29 -20.60
CA THR D 12 27.81 1.60 -21.93
C THR D 12 26.86 1.06 -23.01
N ILE D 13 26.56 1.87 -24.02
CA ILE D 13 25.75 1.45 -25.16
C ILE D 13 26.59 1.62 -26.39
N LYS D 14 26.42 0.71 -27.34
CA LYS D 14 27.00 0.84 -28.68
C LYS D 14 25.91 1.24 -29.66
N ILE D 15 26.05 2.43 -30.25
CA ILE D 15 25.01 2.97 -31.12
C ILE D 15 25.69 3.83 -32.19
N GLY D 16 25.25 3.65 -33.43
CA GLY D 16 25.87 4.38 -34.54
C GLY D 16 27.37 4.17 -34.66
N GLY D 17 27.85 2.97 -34.34
CA GLY D 17 29.28 2.70 -34.31
C GLY D 17 30.08 3.45 -33.26
N GLN D 18 29.41 3.96 -32.21
CA GLN D 18 30.10 4.68 -31.15
C GLN D 18 29.77 4.02 -29.83
N LEU D 19 30.62 4.20 -28.83
CA LEU D 19 30.39 3.76 -27.45
C LEU D 19 30.04 5.00 -26.65
N LYS D 20 28.86 5.00 -26.05
CA LYS D 20 28.43 6.12 -25.25
C LYS D 20 27.97 5.58 -23.91
N GLU D 21 28.11 6.43 -22.90
CA GLU D 21 27.53 6.24 -21.56
C GLU D 21 26.11 6.81 -21.45
N ALA D 22 25.21 6.04 -20.87
CA ALA D 22 23.82 6.43 -20.78
C ALA D 22 23.31 5.95 -19.44
N LEU D 23 22.39 6.75 -18.89
CA LEU D 23 21.80 6.53 -17.58
C LEU D 23 20.57 5.67 -17.75
N LEU D 24 20.53 4.56 -17.03
CA LEU D 24 19.32 3.76 -16.96
C LEU D 24 18.27 4.51 -16.17
N ASP D 25 17.17 4.88 -16.85
CA ASP D 25 16.20 5.83 -16.26
C ASP D 25 14.74 5.36 -16.38
N THR D 26 14.27 4.68 -15.35
CA THR D 26 12.89 4.20 -15.33
C THR D 26 11.86 5.34 -15.37
N GLY D 27 12.23 6.59 -15.01
CA GLY D 27 11.33 7.69 -15.09
C GLY D 27 11.24 8.30 -16.47
N ALA D 28 11.95 7.73 -17.44
CA ALA D 28 11.93 8.27 -18.79
C ALA D 28 11.13 7.34 -19.68
N ASP D 29 10.16 7.92 -20.40
CA ASP D 29 9.35 7.10 -21.32
C ASP D 29 10.20 6.66 -22.49
N ASP D 30 11.12 7.54 -22.94
CA ASP D 30 11.86 7.41 -24.21
C ASP D 30 13.36 7.53 -23.96
N THR D 31 14.17 7.06 -24.90
CA THR D 31 15.60 7.15 -24.85
C THR D 31 16.06 8.42 -25.57
N VAL D 32 16.76 9.28 -24.84
CA VAL D 32 17.16 10.61 -25.34
C VAL D 32 18.67 10.74 -25.24
N LEU D 33 19.30 11.05 -26.35
CA LEU D 33 20.73 11.17 -26.43
C LEU D 33 21.15 12.55 -26.90
N GLU D 34 22.35 12.95 -26.46
CA GLU D 34 23.00 14.18 -26.84
C GLU D 34 23.26 14.17 -28.31
N GLU D 35 23.60 15.35 -28.86
CA GLU D 35 23.73 15.51 -30.29
C GLU D 35 24.65 14.44 -30.86
N MET D 36 24.21 13.82 -31.94
CA MET D 36 25.04 12.81 -32.62
C MET D 36 24.45 12.58 -33.99
N ASN D 37 25.23 12.00 -34.91
CA ASN D 37 24.68 11.60 -36.20
C ASN D 37 24.14 10.18 -36.17
N LEU D 38 22.98 9.98 -36.71
CA LEU D 38 22.41 8.69 -37.00
C LEU D 38 21.93 8.66 -38.42
N PRO D 39 21.92 7.50 -39.06
CA PRO D 39 21.48 7.44 -40.47
C PRO D 39 19.98 7.23 -40.57
N GLY D 40 19.44 7.56 -41.74
CA GLY D 40 18.04 7.30 -42.02
C GLY D 40 17.17 8.54 -41.85
N ARG D 41 15.89 8.31 -42.00
CA ARG D 41 14.92 9.36 -41.88
C ARG D 41 14.71 9.68 -40.39
N TRP D 42 14.28 10.91 -40.13
CA TRP D 42 13.85 11.30 -38.78
C TRP D 42 12.68 12.27 -38.89
N LYS D 43 11.99 12.50 -37.78
CA LYS D 43 10.86 13.40 -37.71
C LYS D 43 11.05 14.20 -36.43
N PRO D 44 10.67 15.48 -36.44
CA PRO D 44 10.85 16.30 -35.24
C PRO D 44 9.78 15.94 -34.22
N LYS D 45 10.10 16.08 -32.92
CA LYS D 45 9.22 15.77 -31.80
C LYS D 45 9.54 16.72 -30.66
N ILE D 46 8.57 16.97 -29.80
CA ILE D 46 8.82 17.74 -28.60
C ILE D 46 8.89 16.73 -27.44
N VAL D 47 9.88 16.93 -26.57
CA VAL D 47 10.07 16.16 -25.34
C VAL D 47 9.98 17.16 -24.20
N GLY D 48 9.19 16.82 -23.19
CA GLY D 48 9.12 17.67 -22.01
C GLY D 48 9.64 16.99 -20.76
N GLY D 49 10.54 17.64 -20.04
CA GLY D 49 11.05 17.14 -18.77
C GLY D 49 10.71 18.05 -17.61
N VAL D 50 11.50 17.96 -16.56
CA VAL D 50 11.23 18.74 -15.35
C VAL D 50 11.41 20.25 -15.60
N GLY D 51 12.35 20.64 -16.47
CA GLY D 51 12.63 22.04 -16.63
C GLY D 51 11.92 22.71 -17.81
N GLY D 52 11.15 21.98 -18.59
CA GLY D 52 10.56 22.53 -19.79
C GLY D 52 10.74 21.58 -20.97
N LEU D 53 10.64 22.16 -22.14
CA LEU D 53 10.49 21.42 -23.38
C LEU D 53 11.74 21.59 -24.22
N ILE D 54 12.03 20.55 -24.99
CA ILE D 54 13.11 20.61 -25.97
C ILE D 54 12.63 19.95 -27.24
N LYS D 55 13.25 20.38 -28.36
CA LYS D 55 13.02 19.85 -29.68
C LYS D 55 14.05 18.74 -29.92
N VAL D 56 13.61 17.64 -30.48
CA VAL D 56 14.48 16.51 -30.75
C VAL D 56 14.16 15.95 -32.12
N ARG D 57 15.11 15.14 -32.63
CA ARG D 57 14.94 14.35 -33.83
C ARG D 57 14.69 12.91 -33.45
N GLN D 58 13.63 12.34 -34.00
CA GLN D 58 13.18 11.00 -33.69
C GLN D 58 13.65 10.10 -34.83
N TYR D 59 14.49 9.15 -34.50
CA TYR D 59 14.99 8.11 -35.40
C TYR D 59 14.37 6.78 -35.02
N ASP D 60 13.82 6.05 -35.98
CA ASP D 60 13.20 4.77 -35.69
C ASP D 60 14.08 3.62 -36.18
N GLN D 61 13.91 2.47 -35.52
CA GLN D 61 14.60 1.24 -35.89
C GLN D 61 16.13 1.40 -35.90
N ILE D 62 16.64 2.04 -34.85
CA ILE D 62 18.08 2.17 -34.66
C ILE D 62 18.57 0.95 -33.88
N PRO D 63 19.55 0.22 -34.38
CA PRO D 63 20.18 -0.84 -33.57
C PRO D 63 21.04 -0.24 -32.44
N ILE D 64 21.00 -0.90 -31.29
CA ILE D 64 21.72 -0.51 -30.09
C ILE D 64 22.12 -1.75 -29.33
N GLU D 65 23.41 -1.84 -29.00
CA GLU D 65 23.92 -2.90 -28.12
C GLU D 65 23.97 -2.39 -26.69
N ILE D 66 23.31 -3.10 -25.80
CA ILE D 66 23.14 -2.65 -24.41
C ILE D 66 22.94 -3.87 -23.52
N CYS D 67 23.74 -3.97 -22.47
CA CYS D 67 23.67 -5.04 -21.46
C CYS D 67 23.59 -6.44 -22.06
N GLY D 68 24.44 -6.70 -23.03
CA GLY D 68 24.48 -7.92 -23.80
C GLY D 68 23.34 -8.18 -24.76
N HIS D 69 22.43 -7.21 -24.94
CA HIS D 69 21.32 -7.37 -25.86
C HIS D 69 21.61 -6.63 -27.16
N LYS D 70 21.21 -7.23 -28.28
CA LYS D 70 21.20 -6.55 -29.56
C LYS D 70 19.76 -6.03 -29.75
N ALA D 71 19.55 -4.78 -29.43
CA ALA D 71 18.23 -4.18 -29.43
C ALA D 71 18.07 -3.34 -30.68
N VAL D 72 16.82 -3.00 -30.97
CA VAL D 72 16.46 -2.07 -32.04
C VAL D 72 15.41 -1.14 -31.49
N SER D 73 15.60 0.17 -31.61
CA SER D 73 14.60 1.01 -30.98
C SER D 73 14.56 2.41 -31.59
N THR D 74 13.54 3.12 -31.16
CA THR D 74 13.42 4.53 -31.44
C THR D 74 14.37 5.28 -30.54
N VAL D 75 15.01 6.30 -31.10
CA VAL D 75 15.97 7.11 -30.36
C VAL D 75 15.71 8.57 -30.66
N LEU D 76 15.61 9.38 -29.64
CA LEU D 76 15.45 10.81 -29.75
C LEU D 76 16.83 11.42 -29.54
N VAL D 77 17.17 12.39 -30.37
CA VAL D 77 18.43 13.12 -30.31
C VAL D 77 18.19 14.61 -30.15
N GLY D 78 18.88 15.20 -29.19
CA GLY D 78 18.79 16.62 -28.95
C GLY D 78 19.47 17.10 -27.69
N PRO D 79 19.14 18.35 -27.27
CA PRO D 79 19.91 19.02 -26.19
C PRO D 79 19.54 18.52 -24.80
N THR D 80 19.66 17.26 -24.59
CA THR D 80 19.56 16.76 -23.21
C THR D 80 20.92 16.90 -22.55
N PRO D 81 20.95 17.19 -21.24
CA PRO D 81 22.25 17.31 -20.55
C PRO D 81 22.90 15.98 -20.23
N ILE D 82 22.22 14.85 -20.45
CA ILE D 82 22.78 13.51 -20.24
C ILE D 82 22.04 12.51 -21.12
N ASN D 83 22.75 11.53 -21.62
CA ASN D 83 22.14 10.45 -22.36
C ASN D 83 21.30 9.59 -21.46
N ILE D 84 20.02 9.44 -21.78
CA ILE D 84 19.11 8.65 -20.97
C ILE D 84 18.60 7.47 -21.76
N VAL D 85 18.48 6.33 -21.09
CA VAL D 85 17.85 5.13 -21.62
C VAL D 85 16.51 5.00 -20.93
N GLY D 86 15.41 5.08 -21.69
CA GLY D 86 14.06 5.12 -21.14
C GLY D 86 13.40 3.75 -21.21
N ARG D 87 12.11 3.70 -20.77
CA ARG D 87 11.42 2.44 -20.66
C ARG D 87 11.24 1.74 -22.00
N ASN D 88 11.19 2.48 -23.13
CA ASN D 88 11.15 1.82 -24.46
C ASN D 88 12.25 0.81 -24.62
N LEU D 89 13.45 1.13 -24.21
CA LEU D 89 14.58 0.23 -24.31
C LEU D 89 14.73 -0.69 -23.10
N LEU D 90 14.39 -0.22 -21.93
CA LEU D 90 14.47 -1.06 -20.74
C LEU D 90 13.56 -2.27 -20.81
N THR D 91 12.35 -2.10 -21.33
CA THR D 91 11.44 -3.22 -21.47
C THR D 91 11.98 -4.22 -22.50
N GLN D 92 12.52 -3.75 -23.60
CA GLN D 92 13.02 -4.65 -24.63
C GLN D 92 14.07 -5.59 -24.09
N ILE D 93 14.87 -5.16 -23.13
CA ILE D 93 15.94 -6.01 -22.62
C ILE D 93 15.53 -6.71 -21.32
N GLY D 94 14.29 -6.54 -20.88
CA GLY D 94 13.76 -7.35 -19.80
C GLY D 94 14.11 -6.82 -18.42
N CYS D 95 14.27 -5.51 -18.30
CA CYS D 95 14.65 -4.91 -17.03
C CYS D 95 13.42 -4.66 -16.18
N THR D 96 13.59 -4.89 -14.87
CA THR D 96 12.52 -4.67 -13.90
C THR D 96 13.08 -4.01 -12.65
N LEU D 97 12.17 -3.46 -11.85
CA LEU D 97 12.47 -2.99 -10.51
C LEU D 97 11.98 -4.02 -9.52
N ASN D 98 12.74 -4.21 -8.44
CA ASN D 98 12.50 -5.20 -7.39
C ASN D 98 12.89 -4.64 -6.06
N PHE D 99 11.97 -4.68 -5.08
CA PHE D 99 12.30 -4.39 -3.68
C PHE D 99 11.47 -5.31 -2.76
N1 017 E . -23.07 -11.61 17.51
C2 017 E . -21.68 -12.14 17.24
C3 017 E . -21.50 -13.07 16.26
C4 017 E . -20.25 -13.58 16.06
C5 017 E . -19.19 -13.15 16.84
C6 017 E . -19.37 -12.23 17.85
C7 017 E . -20.64 -11.74 18.05
S8 017 E . -17.48 -13.79 16.53
O9 017 E . -17.51 -15.24 16.34
O10 017 E . -16.62 -13.62 17.75
N11 017 E . -16.82 -12.89 15.15
C12 017 E . -17.57 -13.00 13.89
C13 017 E . -16.63 -13.16 12.67
C14 017 E . -15.75 -14.45 12.77
C15 017 E . -17.53 -13.22 11.42
C16 017 E . -16.06 -11.59 15.44
C17 017 E . -14.51 -11.74 15.19
O18 017 E . -14.01 -10.44 15.13
C19 017 E . -13.84 -12.52 16.33
N20 017 E . -12.42 -12.69 16.08
C21 017 E . -11.83 -13.92 15.46
O22 017 E . -12.40 -14.96 15.26
O23 017 E . -10.51 -13.75 15.10
C24 017 E . -9.65 -14.86 14.99
C25 017 E . -8.79 -14.51 13.64
O26 017 E . -7.77 -13.74 14.04
C27 017 E . -7.49 -13.98 15.58
O28 017 E . -7.59 -12.92 16.33
C29 017 E . -8.62 -13.29 17.55
C30 017 E . -9.16 -14.50 17.34
C31 017 E . -8.71 -14.96 15.95
C32 017 E . -13.80 -11.80 17.67
C33 017 E . -13.51 -13.77 19.26
C34 017 E . -12.72 -14.52 20.17
C35 017 E . -11.42 -14.09 20.54
C36 017 E . -10.90 -12.92 19.97
C37 017 E . -11.68 -12.20 19.05
C38 017 E . -12.98 -12.61 18.69
H11 017 E . -23.45 -11.09 16.93
H12 017 E . -23.50 -11.84 18.24
H3 017 E . -22.22 -13.35 15.74
H4 017 E . -20.11 -14.22 15.39
H6 017 E . -18.67 -11.95 18.37
H7 017 E . -20.79 -11.12 18.74
H121 017 E . -18.08 -12.22 13.78
H122 017 E . -18.14 -13.74 13.94
H13 017 E . -16.04 -12.44 12.64
H141 017 E . -14.85 -14.21 12.83
H142 017 E . -16.00 -14.95 13.52
H143 017 E . -15.88 -14.97 12.00
H151 017 E . -17.80 -12.35 11.18
H152 017 E . -17.04 -13.60 10.71
H153 017 E . -18.29 -13.74 11.59
H161 017 E . -16.39 -10.91 14.88
H162 017 E . -16.20 -11.34 16.34
H17 017 E . -14.33 -12.23 14.41
H18 017 E . -14.53 -9.96 14.71
H19 017 E . -14.35 -13.30 16.35
H20 017 E . -11.89 -12.05 16.31
H24 017 E . -10.13 -15.67 15.04
H251 017 E . -9.33 -14.05 13.02
H252 017 E . -8.45 -15.30 13.25
H27 017 E . -6.64 -14.35 15.75
H291 017 E . -9.30 -12.65 17.58
H292 017 E . -8.14 -13.31 18.35
H301 017 E . -8.87 -15.10 17.99
H302 017 E . -10.10 -14.43 17.35
H31 017 E . -8.41 -15.86 15.96
H321 017 E . -13.41 -10.95 17.56
H322 017 E . -14.68 -11.69 17.99
H33 017 E . -14.37 -14.05 19.03
H34 017 E . -13.07 -15.30 20.53
H35 017 E . -10.92 -14.58 21.15
H36 017 E . -10.06 -12.62 20.21
H37 017 E . -11.33 -11.42 18.67
N1 017 F . 16.65 14.95 -7.91
C2 017 F . 16.21 14.97 -9.30
C3 017 F . 17.05 15.42 -10.31
C4 017 F . 16.58 15.44 -11.58
C5 017 F . 15.28 15.03 -11.87
C6 017 F . 14.48 14.53 -10.90
C7 017 F . 14.94 14.56 -9.59
S8 017 F . 14.65 14.97 -13.62
O9 017 F . 15.13 16.17 -14.28
O10 017 F . 13.19 15.01 -13.65
N11 017 F . 15.31 13.50 -14.34
C12 017 F . 16.77 13.43 -14.37
C13 017 F . 17.30 12.85 -15.71
C14 017 F . 18.85 12.70 -15.50
C15 017 F . 16.91 13.79 -16.84
C16 017 F . 14.54 12.19 -14.03
C17 017 F . 13.82 11.66 -15.27
O18 017 F . 13.34 10.39 -15.00
C19 017 F . 12.63 12.54 -15.70
N20 017 F . 12.18 11.97 -16.96
C21 017 F . 12.42 12.60 -18.27
O22 017 F . 12.87 13.70 -18.36
O23 017 F . 11.95 11.85 -19.36
C24 017 F . 11.66 12.54 -20.55
C25 017 F . 12.26 11.48 -21.67
O26 017 F . 11.20 10.57 -21.78
C27 017 F . 9.86 11.35 -21.56
O28 017 F . 9.07 10.67 -20.73
C29 017 F . 8.99 11.61 -19.40
C30 017 F . 9.42 12.87 -19.73
C31 017 F . 10.39 12.67 -20.89
C32 017 F . 11.45 12.45 -14.74
C33 017 F . 10.26 14.61 -15.36
C34 017 F . 9.13 15.30 -15.92
C35 017 F . 8.01 14.57 -16.37
C36 017 F . 7.96 13.19 -16.24
C37 017 F . 9.08 12.51 -15.71
C38 017 F . 10.24 13.21 -15.29
H11 017 F . 17.50 14.85 -7.72
H12 017 F . 16.08 15.07 -7.26
H3 017 F . 17.92 15.70 -10.12
H4 017 F . 17.13 15.74 -12.27
H6 017 F . 13.64 14.18 -11.11
H7 017 F . 14.38 14.29 -8.90
H121 017 F . 17.05 12.88 -13.67
H122 017 F . 17.10 14.30 -14.25
H13 017 F . 16.95 12.02 -15.93
H141 017 F . 19.04 12.63 -14.59
H142 017 F . 19.15 11.93 -15.96
H143 017 F . 19.28 13.45 -15.86
H151 017 F . 17.68 14.06 -17.31
H152 017 F . 16.34 13.34 -17.44
H153 017 F . 16.47 14.54 -16.50
H161 017 F . 13.91 12.35 -13.35
H162 017 F . 15.15 11.54 -13.72
H17 017 F . 14.44 11.66 -15.98
H18 017 F . 13.98 9.88 -14.83
H19 017 F . 12.91 13.44 -15.72
H20 017 F . 11.76 11.21 -16.95
H24 017 F . 11.97 13.42 -20.51
H251 017 F . 13.04 11.06 -21.37
H252 017 F . 12.41 11.90 -22.49
H27 017 F . 9.37 11.55 -22.34
H291 017 F . 9.53 11.24 -18.73
H292 017 F . 8.09 11.65 -19.10
H301 017 F . 8.70 13.40 -19.99
H302 017 F . 9.88 13.25 -19.00
H31 017 F . 10.37 13.37 -21.51
H321 017 F . 11.21 11.55 -14.62
H322 017 F . 11.68 12.81 -13.91
H33 017 F . 10.98 15.09 -15.04
H34 017 F . 9.15 16.23 -15.98
H35 017 F . 7.29 15.01 -16.76
H36 017 F . 7.21 12.72 -16.50
H37 017 F . 9.05 11.58 -15.63
#